data_6FM9
#
_entry.id   6FM9
#
_cell.length_a   103.799
_cell.length_b   103.799
_cell.length_c   241.099
_cell.angle_alpha   90.00
_cell.angle_beta   90.00
_cell.angle_gamma   120.00
#
_symmetry.space_group_name_H-M   'P 65 2 2'
#
loop_
_entity.id
_entity.type
_entity.pdbx_description
1 polymer 'UDP-N-acetylglucosamine--dolichyl-phosphate N-acetylglucosaminephosphotransferase'
2 non-polymer '(2S)-3-{[{[(2S)-2,3-DIHYDROXYPROPYL]OXY}(HYDROXY)PHOSPHORYL]OXY}-2-[(6E)-HEXADEC-6-ENOYLOXY]PROPYL (8E)-OCTADEC-8-ENOATE'
#
_entity_poly.entity_id   1
_entity_poly.type   'polypeptide(L)'
_entity_poly.pdbx_seq_one_letter_code
;SMWAFSELPMPLLINLIVSLLGFVATVTLIPAFRGHFIAARLCGQDLNKTSRQQIPESQGVISGAVFLIILFCFIPFPFL
NCFVKEQCKAFPHHEFVALIGALLAICCMIFLGFADDVLNLRWRHKLLLPTAASLPLLMVYFTNFGNTTIVVPKPFRPIL
GLHLDLGILYYVYMGLLAVFCTNAINILAGINGLEAGQSLVISASIIVFNLVELEGDCRDDHVFSLYFMIPFFFTTLGLL
YHNWYPSRVFVGDTFCYFAGMTFAVVGILGHFSKTMLLFFMPQVFNFLYSLPQLLHIIPCPRHRIPRLNIKTGKLEMSYS
KFKTKSLSFLGTFILKVAESLQLVTVHQSETEDGEFTECNNMTLINLLLKVLGPIHERNLTLLLLLLQILGSAITFSIRY
QLVRLFYDV
;
_entity_poly.pdbx_strand_id   A
#
loop_
_chem_comp.id
_chem_comp.type
_chem_comp.name
_chem_comp.formula
P6L non-polymer '(2S)-3-{[{[(2S)-2,3-DIHYDROXYPROPYL]OXY}(HYDROXY)PHOSPHORYL]OXY}-2-[(6E)-HEXADEC-6-ENOYLOXY]PROPYL (8E)-OCTADEC-8-ENOATE' 'C40 H75 O10 P'
#
# COMPACT_ATOMS: atom_id res chain seq x y z
N LEU A 8 16.99 -13.83 21.02
CA LEU A 8 16.59 -13.03 19.86
C LEU A 8 17.16 -13.53 18.53
N PRO A 9 18.46 -13.90 18.35
CA PRO A 9 18.88 -14.40 17.02
C PRO A 9 18.35 -15.79 16.72
N MET A 10 18.17 -16.67 17.74
CA MET A 10 17.67 -18.04 17.54
C MET A 10 16.26 -18.10 16.94
N PRO A 11 15.20 -17.39 17.45
CA PRO A 11 13.90 -17.47 16.77
C PRO A 11 13.89 -16.71 15.44
N LEU A 12 14.75 -15.67 15.29
CA LEU A 12 14.86 -14.91 14.04
C LEU A 12 15.43 -15.73 12.90
N LEU A 13 16.31 -16.70 13.23
CA LEU A 13 16.90 -17.63 12.24
C LEU A 13 15.78 -18.52 11.68
N ILE A 14 15.00 -19.15 12.59
CA ILE A 14 13.87 -20.01 12.26
C ILE A 14 12.86 -19.22 11.40
N ASN A 15 12.61 -17.92 11.78
CA ASN A 15 11.70 -17.01 11.07
C ASN A 15 12.19 -16.76 9.64
N LEU A 16 13.52 -16.61 9.45
CA LEU A 16 14.12 -16.40 8.14
C LEU A 16 14.00 -17.65 7.26
N ILE A 17 14.19 -18.86 7.84
CA ILE A 17 14.08 -20.15 7.15
C ILE A 17 12.65 -20.35 6.62
N VAL A 18 11.63 -20.22 7.50
CA VAL A 18 10.22 -20.37 7.10
C VAL A 18 9.82 -19.30 6.05
N SER A 19 10.40 -18.08 6.14
CA SER A 19 10.14 -16.99 5.20
C SER A 19 10.68 -17.32 3.80
N LEU A 20 11.83 -18.01 3.73
CA LEU A 20 12.42 -18.42 2.45
C LEU A 20 11.64 -19.57 1.83
N LEU A 21 11.15 -20.49 2.68
CA LEU A 21 10.29 -21.60 2.24
C LEU A 21 8.97 -21.01 1.71
N GLY A 22 8.55 -19.91 2.34
CA GLY A 22 7.35 -19.17 1.96
C GLY A 22 7.49 -18.45 0.64
N PHE A 23 8.72 -18.01 0.34
CA PHE A 23 9.01 -17.35 -0.93
C PHE A 23 8.82 -18.39 -2.04
N VAL A 24 9.49 -19.56 -1.89
CA VAL A 24 9.43 -20.72 -2.78
C VAL A 24 7.96 -21.15 -2.95
N ALA A 25 7.22 -21.24 -1.82
CA ALA A 25 5.81 -21.62 -1.80
C ALA A 25 4.95 -20.69 -2.65
N THR A 26 5.09 -19.35 -2.47
CA THR A 26 4.35 -18.32 -3.21
C THR A 26 4.65 -18.39 -4.71
N VAL A 27 5.96 -18.45 -5.07
CA VAL A 27 6.46 -18.57 -6.45
C VAL A 27 5.86 -19.79 -7.16
N THR A 28 5.68 -20.90 -6.41
CA THR A 28 5.16 -22.19 -6.91
C THR A 28 3.64 -22.23 -6.97
N LEU A 29 2.95 -21.80 -5.90
CA LEU A 29 1.49 -21.90 -5.84
C LEU A 29 0.76 -20.96 -6.75
N ILE A 30 1.24 -19.70 -6.92
CA ILE A 30 0.59 -18.70 -7.78
C ILE A 30 0.30 -19.29 -9.19
N PRO A 31 1.31 -19.84 -9.95
CA PRO A 31 0.98 -20.46 -11.25
C PRO A 31 0.19 -21.76 -11.16
N ALA A 32 0.21 -22.43 -9.99
CA ALA A 32 -0.54 -23.67 -9.78
C ALA A 32 -2.03 -23.42 -9.72
N PHE A 33 -2.44 -22.29 -9.14
CA PHE A 33 -3.86 -21.93 -9.01
C PHE A 33 -4.37 -21.09 -10.16
N ARG A 34 -3.54 -20.81 -11.20
CA ARG A 34 -3.94 -20.00 -12.34
C ARG A 34 -5.27 -20.47 -12.94
N GLY A 35 -5.37 -21.77 -13.19
CA GLY A 35 -6.56 -22.39 -13.74
C GLY A 35 -7.82 -22.14 -12.95
N HIS A 36 -7.71 -22.19 -11.62
CA HIS A 36 -8.81 -21.98 -10.69
C HIS A 36 -9.39 -20.58 -10.77
N PHE A 37 -8.54 -19.53 -10.81
CA PHE A 37 -8.96 -18.13 -10.88
C PHE A 37 -9.62 -17.80 -12.22
N ILE A 38 -9.04 -18.31 -13.33
CA ILE A 38 -9.57 -18.11 -14.69
C ILE A 38 -10.98 -18.72 -14.78
N ALA A 39 -11.13 -19.96 -14.29
CA ALA A 39 -12.40 -20.66 -14.28
C ALA A 39 -13.37 -19.95 -13.34
N ALA A 40 -12.86 -19.38 -12.25
CA ALA A 40 -13.66 -18.66 -11.26
C ALA A 40 -14.08 -17.29 -11.75
N ARG A 41 -13.68 -16.90 -12.97
CA ARG A 41 -13.94 -15.60 -13.61
C ARG A 41 -13.21 -14.48 -12.85
N LEU A 42 -12.23 -14.85 -11.99
CA LEU A 42 -11.38 -13.97 -11.19
C LEU A 42 -10.13 -13.60 -12.01
N CYS A 43 -10.37 -12.95 -13.15
CA CYS A 43 -9.37 -12.55 -14.11
C CYS A 43 -9.82 -11.37 -14.95
N GLY A 44 -8.85 -10.63 -15.47
CA GLY A 44 -9.11 -9.46 -16.31
C GLY A 44 -7.93 -9.08 -17.17
N GLN A 45 -8.17 -8.20 -18.13
CA GLN A 45 -7.14 -7.72 -19.05
C GLN A 45 -6.29 -6.63 -18.38
N ASP A 46 -5.06 -6.43 -18.90
CA ASP A 46 -4.12 -5.40 -18.45
C ASP A 46 -4.42 -4.20 -19.38
N LEU A 47 -5.22 -3.25 -18.88
CA LEU A 47 -5.69 -2.08 -19.63
C LEU A 47 -4.61 -1.25 -20.37
N ASN A 48 -3.39 -1.14 -19.80
CA ASN A 48 -2.27 -0.40 -20.40
C ASN A 48 -1.51 -1.21 -21.48
N LYS A 49 -2.09 -2.36 -21.90
CA LYS A 49 -1.49 -3.27 -22.90
C LYS A 49 -2.44 -3.58 -24.03
N THR A 50 -1.86 -3.68 -25.25
CA THR A 50 -2.56 -4.01 -26.50
C THR A 50 -3.09 -5.45 -26.50
N SER A 51 -2.46 -6.36 -25.72
CA SER A 51 -2.88 -7.75 -25.57
C SER A 51 -4.20 -7.83 -24.78
N ARG A 52 -5.17 -8.55 -25.36
CA ARG A 52 -6.52 -8.73 -24.82
C ARG A 52 -6.67 -10.00 -23.95
N GLN A 53 -5.54 -10.63 -23.54
CA GLN A 53 -5.57 -11.86 -22.73
C GLN A 53 -5.95 -11.61 -21.29
N GLN A 54 -6.76 -12.53 -20.72
CA GLN A 54 -7.22 -12.47 -19.32
C GLN A 54 -6.10 -12.92 -18.39
N ILE A 55 -5.78 -12.08 -17.39
CA ILE A 55 -4.73 -12.30 -16.40
C ILE A 55 -5.40 -12.55 -15.03
N PRO A 56 -5.06 -13.64 -14.28
CA PRO A 56 -5.73 -13.88 -12.98
C PRO A 56 -5.56 -12.73 -11.99
N GLU A 57 -6.66 -12.39 -11.35
CA GLU A 57 -6.79 -11.32 -10.37
C GLU A 57 -6.62 -11.86 -8.93
N SER A 58 -6.56 -10.94 -7.93
CA SER A 58 -6.52 -11.22 -6.50
C SER A 58 -5.48 -12.26 -6.07
N GLN A 59 -4.27 -12.25 -6.62
CA GLN A 59 -3.26 -13.24 -6.22
C GLN A 59 -2.68 -12.98 -4.83
N GLY A 60 -3.00 -11.81 -4.26
CA GLY A 60 -2.63 -11.41 -2.91
C GLY A 60 -3.21 -12.36 -1.87
N VAL A 61 -4.29 -13.09 -2.27
CA VAL A 61 -4.95 -14.12 -1.47
C VAL A 61 -4.04 -15.35 -1.27
N ILE A 62 -3.25 -15.72 -2.30
CA ILE A 62 -2.33 -16.85 -2.24
C ILE A 62 -1.13 -16.50 -1.39
N SER A 63 -0.47 -15.33 -1.65
CA SER A 63 0.68 -14.90 -0.85
C SER A 63 0.24 -14.61 0.60
N GLY A 64 -0.95 -14.04 0.76
CA GLY A 64 -1.52 -13.76 2.08
C GLY A 64 -1.78 -15.03 2.86
N ALA A 65 -2.25 -16.09 2.16
CA ALA A 65 -2.50 -17.38 2.77
C ALA A 65 -1.18 -18.04 3.16
N VAL A 66 -0.18 -18.04 2.24
CA VAL A 66 1.15 -18.60 2.48
C VAL A 66 1.73 -17.94 3.75
N PHE A 67 1.65 -16.58 3.84
CA PHE A 67 2.08 -15.75 4.98
C PHE A 67 1.50 -16.27 6.28
N LEU A 68 0.16 -16.49 6.34
CA LEU A 68 -0.54 -16.98 7.52
C LEU A 68 -0.01 -18.33 7.97
N ILE A 69 0.07 -19.32 7.05
CA ILE A 69 0.56 -20.67 7.34
C ILE A 69 2.01 -20.61 7.89
N ILE A 70 2.88 -19.80 7.26
CA ILE A 70 4.27 -19.60 7.69
C ILE A 70 4.28 -19.17 9.16
N LEU A 71 3.52 -18.11 9.51
CA LEU A 71 3.48 -17.57 10.86
C LEU A 71 2.82 -18.49 11.87
N PHE A 72 1.82 -19.30 11.44
CA PHE A 72 1.13 -20.28 12.29
C PHE A 72 2.11 -21.32 12.77
N CYS A 73 3.05 -21.72 11.89
CA CYS A 73 4.12 -22.66 12.17
C CYS A 73 5.16 -22.03 13.08
N PHE A 74 5.39 -20.73 12.90
CA PHE A 74 6.38 -19.97 13.66
C PHE A 74 6.00 -19.74 15.13
N ILE A 75 4.71 -19.45 15.42
CA ILE A 75 4.11 -19.18 16.74
C ILE A 75 4.89 -19.81 17.94
N PRO A 76 5.18 -21.15 18.00
CA PRO A 76 5.85 -21.67 19.21
C PRO A 76 7.31 -21.28 19.41
N PHE A 77 8.08 -21.09 18.32
CA PHE A 77 9.52 -20.79 18.31
C PHE A 77 9.94 -19.56 19.15
N PRO A 78 9.32 -18.34 19.08
CA PRO A 78 9.80 -17.25 19.96
C PRO A 78 9.71 -17.61 21.46
N PHE A 79 8.65 -18.34 21.86
CA PHE A 79 8.40 -18.79 23.23
C PHE A 79 9.35 -19.95 23.62
N LEU A 80 9.45 -20.97 22.74
CA LEU A 80 10.28 -22.16 22.91
C LEU A 80 11.72 -21.83 22.49
N PRO A 92 5.48 -14.54 30.15
CA PRO A 92 5.85 -14.42 28.73
C PRO A 92 4.67 -14.10 27.82
N HIS A 93 3.46 -14.48 28.28
CA HIS A 93 2.13 -14.37 27.63
C HIS A 93 1.76 -13.02 27.02
N HIS A 94 2.21 -11.91 27.66
CA HIS A 94 1.93 -10.53 27.23
C HIS A 94 2.30 -10.27 25.76
N GLU A 95 3.45 -10.79 25.32
CA GLU A 95 3.95 -10.68 23.95
C GLU A 95 3.34 -11.76 23.06
N PHE A 96 2.86 -12.87 23.67
CA PHE A 96 2.22 -14.00 22.97
C PHE A 96 0.78 -13.64 22.53
N VAL A 97 0.04 -12.92 23.40
CA VAL A 97 -1.32 -12.43 23.17
C VAL A 97 -1.32 -11.50 21.96
N ALA A 98 -0.31 -10.61 21.86
CA ALA A 98 -0.15 -9.67 20.75
C ALA A 98 0.22 -10.40 19.46
N LEU A 99 0.97 -11.53 19.55
CA LEU A 99 1.36 -12.34 18.39
C LEU A 99 0.13 -13.03 17.75
N ILE A 100 -0.75 -13.64 18.59
CA ILE A 100 -2.00 -14.32 18.18
C ILE A 100 -3.06 -13.28 17.79
N GLY A 101 -3.11 -12.17 18.54
CA GLY A 101 -4.01 -11.05 18.30
C GLY A 101 -3.73 -10.38 16.97
N ALA A 102 -2.42 -10.14 16.66
CA ALA A 102 -1.98 -9.52 15.41
C ALA A 102 -2.28 -10.44 14.24
N LEU A 103 -2.12 -11.77 14.44
CA LEU A 103 -2.43 -12.77 13.40
C LEU A 103 -3.92 -12.83 13.11
N LEU A 104 -4.77 -12.63 14.14
CA LEU A 104 -6.21 -12.60 13.98
C LEU A 104 -6.63 -11.39 13.13
N ALA A 105 -6.08 -10.18 13.47
CA ALA A 105 -6.33 -8.92 12.78
C ALA A 105 -5.92 -9.00 11.30
N ILE A 106 -4.73 -9.59 11.00
CA ILE A 106 -4.22 -9.76 9.63
C ILE A 106 -5.08 -10.75 8.87
N CYS A 107 -5.36 -11.94 9.47
CA CYS A 107 -6.19 -13.00 8.86
C CYS A 107 -7.58 -12.51 8.47
N CYS A 108 -8.23 -11.79 9.39
CA CYS A 108 -9.55 -11.23 9.19
C CYS A 108 -9.54 -10.25 8.01
N MET A 109 -8.46 -9.49 7.88
CA MET A 109 -8.28 -8.53 6.82
C MET A 109 -8.08 -9.19 5.46
N ILE A 110 -7.28 -10.29 5.38
CA ILE A 110 -7.06 -11.03 4.13
C ILE A 110 -8.41 -11.58 3.68
N PHE A 111 -9.21 -12.07 4.64
CA PHE A 111 -10.55 -12.62 4.41
C PHE A 111 -11.50 -11.56 3.88
N LEU A 112 -11.75 -10.50 4.66
CA LEU A 112 -12.68 -9.44 4.28
C LEU A 112 -12.19 -8.69 3.04
N GLY A 113 -10.88 -8.74 2.81
CA GLY A 113 -10.23 -8.15 1.65
C GLY A 113 -10.60 -8.89 0.38
N PHE A 114 -10.45 -10.24 0.41
CA PHE A 114 -10.78 -11.17 -0.69
C PHE A 114 -12.28 -11.22 -0.95
N ALA A 115 -13.10 -11.12 0.12
CA ALA A 115 -14.54 -11.09 0.02
C ALA A 115 -14.94 -9.84 -0.73
N ASP A 116 -14.27 -8.69 -0.45
CA ASP A 116 -14.50 -7.42 -1.14
C ASP A 116 -14.04 -7.51 -2.60
N ASP A 117 -13.01 -8.31 -2.88
CA ASP A 117 -12.51 -8.49 -4.23
C ASP A 117 -13.55 -9.26 -5.06
N VAL A 118 -14.02 -10.37 -4.50
CA VAL A 118 -15.00 -11.26 -5.09
C VAL A 118 -16.38 -10.57 -5.24
N LEU A 119 -16.83 -9.81 -4.22
CA LEU A 119 -18.17 -9.21 -4.22
C LEU A 119 -18.29 -7.76 -4.65
N ASN A 120 -17.19 -6.97 -4.62
CA ASN A 120 -17.15 -5.55 -4.97
C ASN A 120 -18.17 -4.75 -4.16
N LEU A 121 -17.91 -4.64 -2.85
CA LEU A 121 -18.76 -3.94 -1.89
C LEU A 121 -18.72 -2.43 -2.12
N ARG A 122 -19.76 -1.71 -1.64
CA ARG A 122 -19.84 -0.25 -1.77
C ARG A 122 -18.68 0.43 -1.01
N TRP A 123 -18.13 1.54 -1.56
CA TRP A 123 -16.97 2.28 -1.00
C TRP A 123 -17.13 2.63 0.49
N ARG A 124 -18.37 2.77 0.97
CA ARG A 124 -18.66 3.04 2.37
C ARG A 124 -18.46 1.80 3.24
N HIS A 125 -18.81 0.61 2.74
CA HIS A 125 -18.61 -0.67 3.43
C HIS A 125 -17.13 -1.07 3.39
N LYS A 126 -16.42 -0.65 2.33
CA LYS A 126 -14.99 -0.92 2.13
C LYS A 126 -14.15 -0.26 3.23
N LEU A 127 -14.55 0.96 3.70
CA LEU A 127 -13.86 1.74 4.74
C LEU A 127 -14.08 1.17 6.16
N LEU A 128 -15.15 0.39 6.34
CA LEU A 128 -15.52 -0.21 7.61
C LEU A 128 -14.77 -1.51 7.83
N LEU A 129 -14.44 -2.24 6.73
CA LEU A 129 -13.70 -3.50 6.77
C LEU A 129 -12.36 -3.37 7.53
N PRO A 130 -11.43 -2.43 7.20
CA PRO A 130 -10.19 -2.35 7.97
C PRO A 130 -10.38 -2.09 9.46
N THR A 131 -11.36 -1.24 9.84
CA THR A 131 -11.66 -0.92 11.25
C THR A 131 -12.26 -2.14 11.96
N ALA A 132 -12.94 -3.00 11.20
CA ALA A 132 -13.55 -4.22 11.69
C ALA A 132 -12.44 -5.21 12.05
N ALA A 133 -11.51 -5.46 11.12
CA ALA A 133 -10.37 -6.37 11.28
C ALA A 133 -9.37 -5.90 12.33
N SER A 134 -9.24 -4.58 12.55
CA SER A 134 -8.28 -4.02 13.51
C SER A 134 -8.76 -4.10 14.97
N LEU A 135 -10.04 -4.47 15.20
CA LEU A 135 -10.64 -4.62 16.54
C LEU A 135 -9.83 -5.52 17.51
N PRO A 136 -9.33 -6.74 17.13
CA PRO A 136 -8.52 -7.54 18.09
C PRO A 136 -7.28 -6.83 18.61
N LEU A 137 -6.60 -5.98 17.80
CA LEU A 137 -5.42 -5.21 18.23
C LEU A 137 -5.83 -4.22 19.33
N LEU A 138 -6.97 -3.52 19.12
CA LEU A 138 -7.53 -2.55 20.06
C LEU A 138 -7.85 -3.24 21.40
N MET A 139 -8.43 -4.47 21.35
CA MET A 139 -8.78 -5.28 22.52
C MET A 139 -7.54 -5.81 23.24
N VAL A 140 -6.49 -6.22 22.48
CA VAL A 140 -5.21 -6.69 23.02
C VAL A 140 -4.52 -5.52 23.71
N TYR A 141 -4.50 -4.34 23.04
CA TYR A 141 -3.91 -3.10 23.57
C TYR A 141 -4.64 -2.65 24.83
N PHE A 142 -5.94 -3.00 24.95
CA PHE A 142 -6.81 -2.69 26.09
C PHE A 142 -6.48 -3.62 27.26
N THR A 143 -6.51 -4.96 27.03
CA THR A 143 -6.23 -5.98 28.05
C THR A 143 -4.79 -5.98 28.54
N ASN A 144 -3.83 -5.71 27.63
CA ASN A 144 -2.41 -5.65 27.96
C ASN A 144 -1.98 -4.26 28.43
N PHE A 145 -2.96 -3.39 28.77
CA PHE A 145 -2.78 -2.02 29.27
C PHE A 145 -1.73 -1.24 28.48
N GLY A 146 -2.08 -0.86 27.25
CA GLY A 146 -1.22 -0.11 26.35
C GLY A 146 -1.21 1.37 26.62
N ASN A 147 -0.02 2.00 26.47
CA ASN A 147 0.20 3.42 26.71
C ASN A 147 -0.66 4.31 25.79
N THR A 148 -1.72 4.92 26.36
CA THR A 148 -2.67 5.80 25.66
C THR A 148 -2.09 7.22 25.48
N THR A 149 -0.95 7.50 26.14
CA THR A 149 -0.23 8.77 26.07
C THR A 149 0.61 8.84 24.78
N ILE A 150 0.82 10.06 24.24
CA ILE A 150 1.58 10.33 23.02
C ILE A 150 2.58 11.48 23.23
N VAL A 151 3.62 11.52 22.39
CA VAL A 151 4.66 12.56 22.42
C VAL A 151 4.53 13.48 21.21
N VAL A 152 4.62 14.80 21.44
CA VAL A 152 4.49 15.83 20.41
C VAL A 152 5.68 15.85 19.45
N HIS A 163 3.98 15.33 25.35
CA HIS A 163 3.36 14.60 26.46
C HIS A 163 1.85 14.90 26.58
N LEU A 164 1.02 14.10 25.88
CA LEU A 164 -0.44 14.24 25.85
C LEU A 164 -1.16 12.88 25.87
N ASP A 165 -2.04 12.66 26.87
CA ASP A 165 -2.83 11.43 27.01
C ASP A 165 -4.08 11.53 26.12
N LEU A 166 -4.10 10.77 25.00
CA LEU A 166 -5.19 10.78 24.04
C LEU A 166 -6.38 9.92 24.47
N GLY A 167 -6.13 8.90 25.29
CA GLY A 167 -7.15 8.00 25.83
C GLY A 167 -7.99 7.33 24.75
N ILE A 168 -9.23 7.83 24.56
CA ILE A 168 -10.19 7.32 23.55
C ILE A 168 -9.71 7.66 22.14
N LEU A 169 -9.15 8.87 21.92
CA LEU A 169 -8.65 9.31 20.61
C LEU A 169 -7.46 8.49 20.12
N TYR A 170 -6.76 7.79 21.04
CA TYR A 170 -5.64 6.92 20.71
C TYR A 170 -6.14 5.62 20.07
N TYR A 171 -7.31 5.12 20.54
CA TYR A 171 -7.95 3.91 20.01
C TYR A 171 -8.58 4.19 18.64
N VAL A 172 -9.01 5.44 18.41
CA VAL A 172 -9.57 5.91 17.13
C VAL A 172 -8.43 5.92 16.11
N TYR A 173 -7.23 6.34 16.56
CA TYR A 173 -6.02 6.38 15.76
C TYR A 173 -5.64 4.98 15.25
N MET A 174 -5.61 3.99 16.16
CA MET A 174 -5.29 2.59 15.88
C MET A 174 -6.28 2.00 14.86
N GLY A 175 -7.57 2.29 15.07
CA GLY A 175 -8.63 1.86 14.18
C GLY A 175 -8.48 2.40 12.77
N LEU A 176 -8.17 3.70 12.68
CA LEU A 176 -8.01 4.39 11.40
C LEU A 176 -6.68 4.13 10.70
N LEU A 177 -5.65 3.64 11.43
CA LEU A 177 -4.34 3.40 10.86
C LEU A 177 -4.36 2.28 9.81
N ALA A 178 -5.18 1.24 10.07
CA ALA A 178 -5.39 0.11 9.16
C ALA A 178 -6.03 0.59 7.85
N VAL A 179 -7.07 1.45 7.99
CA VAL A 179 -7.85 2.08 6.91
C VAL A 179 -6.92 2.94 6.05
N PHE A 180 -6.00 3.70 6.69
CA PHE A 180 -5.07 4.56 5.98
C PHE A 180 -4.10 3.79 5.08
N CYS A 181 -3.21 2.97 5.68
CA CYS A 181 -2.18 2.17 5.00
C CYS A 181 -2.70 1.39 3.79
N THR A 182 -3.85 0.67 3.92
CA THR A 182 -4.47 -0.09 2.82
C THR A 182 -4.79 0.83 1.65
N ASN A 183 -5.61 1.86 1.89
CA ASN A 183 -6.05 2.83 0.88
C ASN A 183 -4.91 3.67 0.32
N ALA A 184 -3.88 3.97 1.12
CA ALA A 184 -2.72 4.75 0.68
C ALA A 184 -1.97 3.98 -0.41
N ILE A 185 -1.83 2.63 -0.23
CA ILE A 185 -1.19 1.72 -1.19
C ILE A 185 -2.13 1.57 -2.40
N ASN A 186 -3.43 1.34 -2.12
CA ASN A 186 -4.50 1.13 -3.09
C ASN A 186 -4.73 2.31 -4.05
N ILE A 187 -4.48 3.57 -3.61
CA ILE A 187 -4.67 4.78 -4.45
C ILE A 187 -3.44 5.03 -5.34
N LEU A 188 -2.26 4.52 -4.91
CA LEU A 188 -1.02 4.65 -5.65
C LEU A 188 -0.78 3.35 -6.41
N ALA A 189 -1.52 3.17 -7.51
CA ALA A 189 -1.49 1.97 -8.34
C ALA A 189 -1.87 2.30 -9.78
N GLY A 190 -1.84 1.31 -10.65
CA GLY A 190 -2.23 1.49 -12.05
C GLY A 190 -1.24 1.04 -13.08
N ILE A 191 -0.01 0.70 -12.65
CA ILE A 191 1.10 0.20 -13.45
C ILE A 191 1.63 -1.10 -12.78
N ASN A 192 2.08 -2.07 -13.59
CA ASN A 192 2.56 -3.39 -13.14
C ASN A 192 3.65 -3.30 -12.07
N GLY A 193 3.49 -4.08 -10.99
CA GLY A 193 4.45 -4.19 -9.89
C GLY A 193 4.58 -2.99 -8.97
N LEU A 194 3.64 -2.02 -9.05
CA LEU A 194 3.67 -0.84 -8.19
C LEU A 194 3.25 -1.13 -6.74
N GLU A 195 2.03 -1.71 -6.55
CA GLU A 195 1.42 -2.05 -5.25
C GLU A 195 2.30 -3.02 -4.45
N ALA A 196 2.74 -4.14 -5.08
CA ALA A 196 3.61 -5.11 -4.41
C ALA A 196 5.02 -4.53 -4.18
N GLY A 197 5.52 -3.79 -5.17
CA GLY A 197 6.83 -3.13 -5.18
C GLY A 197 7.01 -2.06 -4.11
N GLN A 198 6.04 -1.14 -3.99
CA GLN A 198 6.07 -0.08 -2.97
C GLN A 198 6.02 -0.71 -1.58
N SER A 199 5.30 -1.85 -1.43
CA SER A 199 5.19 -2.59 -0.16
C SER A 199 6.51 -3.25 0.19
N LEU A 200 7.29 -3.66 -0.83
CA LEU A 200 8.61 -4.25 -0.61
C LEU A 200 9.57 -3.19 -0.08
N VAL A 201 9.55 -1.96 -0.64
CA VAL A 201 10.42 -0.87 -0.21
C VAL A 201 10.06 -0.51 1.24
N ILE A 202 8.75 -0.38 1.53
CA ILE A 202 8.24 -0.02 2.87
C ILE A 202 8.63 -1.10 3.89
N SER A 203 8.32 -2.40 3.61
CA SER A 203 8.65 -3.50 4.53
C SER A 203 10.16 -3.66 4.72
N ALA A 204 10.96 -3.46 3.65
CA ALA A 204 12.43 -3.56 3.74
C ALA A 204 12.98 -2.43 4.60
N SER A 205 12.37 -1.22 4.51
CA SER A 205 12.75 -0.04 5.31
C SER A 205 12.49 -0.33 6.80
N ILE A 206 11.30 -0.91 7.14
CA ILE A 206 10.92 -1.30 8.49
C ILE A 206 11.90 -2.39 8.99
N ILE A 207 12.24 -3.39 8.13
CA ILE A 207 13.20 -4.44 8.47
C ILE A 207 14.55 -3.81 8.88
N VAL A 208 15.10 -2.91 8.02
CA VAL A 208 16.37 -2.18 8.26
C VAL A 208 16.31 -1.41 9.59
N PHE A 209 15.23 -0.62 9.78
CA PHE A 209 14.96 0.19 10.96
C PHE A 209 14.89 -0.65 12.23
N ASN A 210 14.19 -1.82 12.17
CA ASN A 210 14.05 -2.76 13.29
C ASN A 210 15.42 -3.28 13.75
N LEU A 211 16.28 -3.65 12.78
CA LEU A 211 17.62 -4.19 13.00
C LEU A 211 18.53 -3.15 13.65
N VAL A 212 18.46 -1.89 13.19
CA VAL A 212 19.24 -0.77 13.72
C VAL A 212 18.88 -0.55 15.22
N GLU A 213 17.56 -0.50 15.50
CA GLU A 213 16.97 -0.27 16.83
C GLU A 213 16.91 -1.53 17.72
N LEU A 214 17.32 -2.70 17.19
CA LEU A 214 17.32 -3.97 17.92
C LEU A 214 18.48 -4.04 18.91
N GLU A 215 19.64 -3.43 18.56
CA GLU A 215 20.89 -3.40 19.35
C GLU A 215 20.76 -2.91 20.79
N GLY A 216 19.79 -2.03 21.04
CA GLY A 216 19.54 -1.47 22.36
C GLY A 216 18.16 -0.85 22.53
N ASP A 217 17.89 -0.35 23.76
CA ASP A 217 16.65 0.29 24.20
C ASP A 217 15.42 -0.60 23.94
N CYS A 218 14.69 -0.39 22.82
CA CYS A 218 13.51 -1.16 22.44
C CYS A 218 13.86 -2.36 21.58
N ARG A 219 14.16 -3.50 22.24
CA ARG A 219 14.51 -4.72 21.55
C ARG A 219 13.24 -5.54 21.29
N ASP A 220 12.35 -5.61 22.30
CA ASP A 220 11.09 -6.35 22.26
C ASP A 220 10.10 -5.87 21.18
N ASP A 221 9.98 -4.54 21.00
CA ASP A 221 9.10 -3.90 20.04
C ASP A 221 9.57 -4.07 18.58
N HIS A 222 10.90 -4.25 18.37
CA HIS A 222 11.51 -4.41 17.05
C HIS A 222 11.72 -5.88 16.68
N VAL A 223 11.85 -6.80 17.69
CA VAL A 223 11.95 -8.24 17.41
C VAL A 223 10.57 -8.75 17.00
N PHE A 224 9.50 -8.17 17.59
CA PHE A 224 8.11 -8.48 17.30
C PHE A 224 7.77 -8.05 15.89
N SER A 225 8.19 -6.83 15.51
CA SER A 225 7.96 -6.27 14.17
C SER A 225 8.66 -7.10 13.10
N LEU A 226 9.88 -7.61 13.38
CA LEU A 226 10.63 -8.44 12.44
C LEU A 226 9.89 -9.76 12.15
N TYR A 227 9.28 -10.37 13.20
CA TYR A 227 8.52 -11.62 13.12
C TYR A 227 7.45 -11.60 12.05
N PHE A 228 6.90 -10.41 11.74
CA PHE A 228 5.85 -10.23 10.73
C PHE A 228 6.38 -9.66 9.42
N MET A 229 7.38 -8.74 9.49
CA MET A 229 7.97 -8.06 8.33
C MET A 229 8.80 -8.96 7.42
N ILE A 230 9.63 -9.87 7.99
CA ILE A 230 10.45 -10.82 7.21
C ILE A 230 9.50 -11.77 6.38
N PRO A 231 8.49 -12.46 6.98
CA PRO A 231 7.57 -13.27 6.17
C PRO A 231 6.76 -12.45 5.17
N PHE A 232 6.37 -11.20 5.51
CA PHE A 232 5.65 -10.32 4.60
C PHE A 232 6.51 -9.98 3.38
N PHE A 233 7.81 -9.71 3.60
CA PHE A 233 8.73 -9.35 2.53
C PHE A 233 8.89 -10.47 1.52
N PHE A 234 9.26 -11.67 2.01
CA PHE A 234 9.51 -12.82 1.14
C PHE A 234 8.25 -13.35 0.42
N THR A 235 7.04 -13.27 1.04
CA THR A 235 5.82 -13.70 0.34
C THR A 235 5.50 -12.70 -0.77
N THR A 236 5.69 -11.38 -0.50
CA THR A 236 5.45 -10.31 -1.47
C THR A 236 6.45 -10.41 -2.61
N LEU A 237 7.69 -10.85 -2.31
CA LEU A 237 8.75 -11.06 -3.29
C LEU A 237 8.31 -12.12 -4.32
N GLY A 238 7.73 -13.21 -3.82
CA GLY A 238 7.20 -14.30 -4.64
C GLY A 238 6.04 -13.87 -5.50
N LEU A 239 5.24 -12.92 -4.99
CA LEU A 239 4.09 -12.35 -5.68
C LEU A 239 4.60 -11.42 -6.79
N LEU A 240 5.55 -10.52 -6.45
CA LEU A 240 6.17 -9.58 -7.39
C LEU A 240 6.85 -10.33 -8.53
N TYR A 241 7.33 -11.57 -8.25
CA TYR A 241 7.95 -12.44 -9.25
C TYR A 241 6.99 -12.61 -10.43
N HIS A 242 5.70 -12.77 -10.14
CA HIS A 242 4.68 -12.93 -11.16
C HIS A 242 3.98 -11.62 -11.56
N ASN A 243 3.90 -10.61 -10.65
CA ASN A 243 3.26 -9.32 -10.92
C ASN A 243 4.12 -8.34 -11.72
N TRP A 244 5.46 -8.41 -11.56
CA TRP A 244 6.41 -7.52 -12.25
C TRP A 244 6.28 -7.55 -13.78
N TYR A 245 6.49 -6.38 -14.45
CA TYR A 245 6.39 -6.21 -15.90
C TYR A 245 7.15 -7.31 -16.68
N PRO A 246 6.48 -8.03 -17.62
CA PRO A 246 5.06 -7.95 -17.97
C PRO A 246 4.21 -8.80 -17.04
N SER A 247 3.28 -8.13 -16.30
CA SER A 247 2.33 -8.71 -15.33
C SER A 247 1.76 -10.01 -15.82
N ARG A 248 1.99 -11.09 -15.05
CA ARG A 248 1.47 -12.43 -15.34
C ARG A 248 0.21 -12.65 -14.53
N VAL A 249 0.17 -12.01 -13.33
CA VAL A 249 -0.93 -12.04 -12.36
C VAL A 249 -1.17 -10.64 -11.82
N PHE A 250 -2.34 -10.42 -11.24
CA PHE A 250 -2.69 -9.16 -10.59
C PHE A 250 -2.73 -9.43 -9.10
N VAL A 251 -2.36 -8.43 -8.27
CA VAL A 251 -2.36 -8.65 -6.82
C VAL A 251 -3.77 -8.52 -6.22
N GLY A 252 -4.61 -7.66 -6.82
CA GLY A 252 -5.97 -7.38 -6.35
C GLY A 252 -6.00 -6.51 -5.10
N ASP A 253 -7.20 -6.06 -4.69
CA ASP A 253 -7.35 -5.24 -3.49
C ASP A 253 -7.03 -6.06 -2.24
N THR A 254 -7.14 -7.43 -2.32
CA THR A 254 -6.81 -8.38 -1.25
C THR A 254 -5.40 -8.09 -0.75
N PHE A 255 -4.44 -7.89 -1.68
CA PHE A 255 -3.07 -7.56 -1.30
C PHE A 255 -2.99 -6.22 -0.56
N CYS A 256 -3.63 -5.14 -1.07
CA CYS A 256 -3.59 -3.82 -0.41
C CYS A 256 -4.11 -3.87 1.00
N TYR A 257 -5.22 -4.62 1.21
CA TYR A 257 -5.85 -4.85 2.51
C TYR A 257 -4.90 -5.59 3.44
N PHE A 258 -4.27 -6.67 2.93
CA PHE A 258 -3.30 -7.50 3.63
C PHE A 258 -2.11 -6.65 4.04
N ALA A 259 -1.42 -6.00 3.07
CA ALA A 259 -0.24 -5.14 3.29
C ALA A 259 -0.51 -4.04 4.32
N GLY A 260 -1.58 -3.28 4.10
CA GLY A 260 -2.01 -2.19 4.96
C GLY A 260 -2.17 -2.59 6.41
N MET A 261 -2.84 -3.73 6.67
CA MET A 261 -3.04 -4.26 8.03
C MET A 261 -1.73 -4.78 8.65
N THR A 262 -0.82 -5.38 7.87
CA THR A 262 0.45 -5.87 8.38
C THR A 262 1.29 -4.71 8.84
N PHE A 263 1.32 -3.60 8.05
CA PHE A 263 2.06 -2.37 8.40
C PHE A 263 1.46 -1.71 9.62
N ALA A 264 0.11 -1.61 9.67
CA ALA A 264 -0.58 -1.04 10.82
C ALA A 264 -0.34 -1.91 12.07
N VAL A 265 -0.36 -3.26 11.93
CA VAL A 265 -0.11 -4.23 13.02
C VAL A 265 1.24 -3.99 13.66
N VAL A 266 2.34 -3.94 12.86
CA VAL A 266 3.70 -3.78 13.37
C VAL A 266 3.94 -2.38 13.96
N GLY A 267 3.42 -1.35 13.29
CA GLY A 267 3.54 0.03 13.75
C GLY A 267 2.88 0.28 15.08
N ILE A 268 1.64 -0.28 15.28
CA ILE A 268 0.83 -0.15 16.51
C ILE A 268 1.46 -0.91 17.68
N LEU A 269 1.73 -2.20 17.49
CA LEU A 269 2.27 -3.08 18.52
C LEU A 269 3.79 -2.88 18.77
N GLY A 270 4.45 -2.21 17.81
CA GLY A 270 5.88 -1.89 17.91
C GLY A 270 6.12 -0.47 18.38
N HIS A 271 5.05 0.35 18.44
CA HIS A 271 5.02 1.74 18.91
C HIS A 271 5.82 2.72 18.01
N PHE A 272 6.19 2.31 16.78
CA PHE A 272 6.94 3.15 15.84
C PHE A 272 6.07 3.63 14.67
N SER A 273 4.76 3.74 14.92
CA SER A 273 3.75 4.16 13.96
C SER A 273 4.06 5.52 13.30
N LYS A 274 4.68 6.47 14.04
CA LYS A 274 5.06 7.79 13.53
C LYS A 274 6.19 7.66 12.49
N THR A 275 7.26 6.90 12.84
CA THR A 275 8.43 6.61 12.01
C THR A 275 7.98 5.85 10.76
N MET A 276 7.05 4.90 10.94
CA MET A 276 6.49 4.05 9.89
C MET A 276 5.66 4.86 8.88
N LEU A 277 4.93 5.89 9.37
CA LEU A 277 4.12 6.76 8.50
C LEU A 277 4.99 7.68 7.64
N LEU A 278 6.27 7.85 8.00
CA LEU A 278 7.21 8.65 7.22
C LEU A 278 7.72 7.86 6.02
N PHE A 279 7.64 6.52 6.10
CA PHE A 279 8.01 5.64 4.99
C PHE A 279 6.87 5.67 3.92
N PHE A 280 5.71 6.26 4.29
CA PHE A 280 4.50 6.42 3.47
C PHE A 280 4.40 7.81 2.80
N MET A 281 5.54 8.52 2.66
CA MET A 281 5.65 9.86 2.05
C MET A 281 5.11 9.91 0.60
N PRO A 282 5.58 9.09 -0.40
CA PRO A 282 4.98 9.17 -1.75
C PRO A 282 3.47 8.91 -1.82
N GLN A 283 2.96 8.04 -0.90
CA GLN A 283 1.54 7.68 -0.75
C GLN A 283 0.73 8.85 -0.20
N VAL A 284 1.27 9.57 0.82
CA VAL A 284 0.64 10.73 1.45
C VAL A 284 0.50 11.86 0.41
N PHE A 285 1.55 12.09 -0.43
CA PHE A 285 1.49 13.11 -1.48
C PHE A 285 0.44 12.75 -2.50
N ASN A 286 0.55 11.53 -3.07
CA ASN A 286 -0.36 10.99 -4.08
C ASN A 286 -1.82 11.10 -3.62
N PHE A 287 -2.09 10.86 -2.31
CA PHE A 287 -3.42 10.94 -1.72
C PHE A 287 -3.98 12.36 -1.75
N LEU A 288 -3.24 13.32 -1.18
CA LEU A 288 -3.64 14.74 -1.11
C LEU A 288 -3.76 15.38 -2.49
N TYR A 289 -2.85 15.02 -3.42
CA TYR A 289 -2.87 15.52 -4.80
C TYR A 289 -4.12 14.98 -5.52
N SER A 290 -4.57 13.76 -5.14
CA SER A 290 -5.77 13.10 -5.70
C SER A 290 -7.06 13.63 -5.09
N LEU A 291 -7.02 14.03 -3.79
CA LEU A 291 -8.15 14.51 -2.97
C LEU A 291 -9.18 15.44 -3.69
N PRO A 292 -8.80 16.49 -4.46
CA PRO A 292 -9.84 17.29 -5.15
C PRO A 292 -10.66 16.49 -6.17
N GLN A 293 -10.06 15.48 -6.81
CA GLN A 293 -10.74 14.61 -7.77
C GLN A 293 -11.61 13.56 -7.05
N LEU A 294 -11.05 12.92 -5.99
CA LEU A 294 -11.72 11.89 -5.17
C LEU A 294 -12.99 12.45 -4.52
N LEU A 295 -12.93 13.67 -3.97
CA LEU A 295 -14.07 14.35 -3.34
C LEU A 295 -15.02 14.97 -4.37
N HIS A 296 -14.67 14.87 -5.68
CA HIS A 296 -15.40 15.38 -6.85
C HIS A 296 -15.56 16.90 -6.85
N ILE A 297 -14.58 17.62 -6.24
CA ILE A 297 -14.55 19.09 -6.24
C ILE A 297 -14.09 19.51 -7.65
N ILE A 298 -13.19 18.70 -8.24
CA ILE A 298 -12.68 18.79 -9.61
C ILE A 298 -13.11 17.48 -10.28
N PRO A 299 -13.77 17.53 -11.48
CA PRO A 299 -14.28 16.31 -12.12
C PRO A 299 -13.30 15.13 -12.21
N CYS A 300 -13.78 13.95 -11.79
CA CYS A 300 -13.00 12.72 -11.75
C CYS A 300 -13.55 11.66 -12.74
N PRO A 301 -12.73 11.15 -13.70
CA PRO A 301 -13.23 10.09 -14.59
C PRO A 301 -13.15 8.72 -13.93
N ARG A 302 -13.64 7.66 -14.62
CA ARG A 302 -13.64 6.28 -14.11
C ARG A 302 -12.24 5.77 -13.77
N HIS A 303 -11.28 5.94 -14.71
CA HIS A 303 -9.88 5.53 -14.55
C HIS A 303 -8.91 6.68 -14.80
N ARG A 304 -8.08 6.98 -13.79
CA ARG A 304 -7.09 8.05 -13.86
C ARG A 304 -5.67 7.50 -14.15
N ILE A 305 -5.60 6.31 -14.79
CA ILE A 305 -4.36 5.64 -15.19
C ILE A 305 -3.83 6.22 -16.52
N PRO A 306 -2.50 6.22 -16.78
CA PRO A 306 -2.00 6.75 -18.06
C PRO A 306 -2.51 6.03 -19.32
N ARG A 307 -2.52 6.72 -20.45
CA ARG A 307 -2.96 6.18 -21.73
C ARG A 307 -1.75 5.74 -22.56
N LEU A 308 -1.67 4.45 -22.92
CA LEU A 308 -0.57 3.90 -23.72
C LEU A 308 -0.70 4.29 -25.20
N ASN A 309 0.34 4.96 -25.76
CA ASN A 309 0.36 5.30 -27.18
C ASN A 309 0.95 4.08 -27.87
N ILE A 310 0.12 3.39 -28.67
CA ILE A 310 0.46 2.14 -29.38
C ILE A 310 1.72 2.30 -30.27
N LYS A 311 1.84 3.43 -30.99
CA LYS A 311 2.98 3.75 -31.85
C LYS A 311 4.28 3.99 -31.05
N THR A 312 4.18 4.61 -29.87
CA THR A 312 5.31 4.94 -28.99
C THR A 312 5.80 3.73 -28.19
N GLY A 313 4.85 3.03 -27.55
CA GLY A 313 5.12 1.90 -26.68
C GLY A 313 5.12 2.34 -25.22
N LYS A 314 5.37 3.64 -24.99
CA LYS A 314 5.44 4.31 -23.70
C LYS A 314 4.05 4.80 -23.24
N LEU A 315 3.93 5.19 -21.96
CA LEU A 315 2.68 5.69 -21.35
C LEU A 315 2.64 7.22 -21.33
N GLU A 316 1.55 7.79 -21.85
CA GLU A 316 1.31 9.22 -21.88
C GLU A 316 0.29 9.63 -20.81
N MET A 317 0.22 10.92 -20.48
CA MET A 317 -0.70 11.49 -19.49
C MET A 317 -2.16 11.26 -19.83
N SER A 318 -3.02 11.17 -18.80
CA SER A 318 -4.46 11.05 -18.98
C SER A 318 -5.12 12.35 -18.53
N TYR A 319 -6.26 12.70 -19.14
CA TYR A 319 -6.95 13.95 -18.85
C TYR A 319 -8.42 13.75 -18.49
N SER A 320 -9.00 14.74 -17.78
CA SER A 320 -10.39 14.78 -17.34
C SER A 320 -11.04 16.07 -17.88
N LYS A 321 -11.67 15.98 -19.08
CA LYS A 321 -12.34 17.10 -19.74
C LYS A 321 -13.79 17.21 -19.26
N PHE A 322 -14.22 18.42 -18.86
CA PHE A 322 -15.56 18.69 -18.36
C PHE A 322 -16.04 20.10 -18.67
N LYS A 323 -17.35 20.36 -18.50
CA LYS A 323 -17.97 21.66 -18.74
C LYS A 323 -17.54 22.64 -17.63
N THR A 324 -17.08 23.85 -18.04
CA THR A 324 -16.59 24.90 -17.14
C THR A 324 -17.71 25.49 -16.25
N LYS A 325 -18.97 25.51 -16.75
CA LYS A 325 -20.14 26.03 -16.02
C LYS A 325 -20.56 25.07 -14.89
N SER A 326 -20.39 23.75 -15.09
CA SER A 326 -20.72 22.71 -14.11
C SER A 326 -19.72 22.66 -12.94
N LEU A 327 -18.51 23.21 -13.14
CA LEU A 327 -17.44 23.25 -12.14
C LEU A 327 -17.78 24.24 -11.01
N SER A 328 -17.59 23.80 -9.75
CA SER A 328 -17.87 24.59 -8.55
C SER A 328 -16.88 25.77 -8.37
N PHE A 329 -17.22 26.75 -7.50
CA PHE A 329 -16.38 27.92 -7.21
C PHE A 329 -15.09 27.49 -6.47
N LEU A 330 -15.20 26.46 -5.59
CA LEU A 330 -14.09 25.88 -4.84
C LEU A 330 -13.17 25.10 -5.79
N GLY A 331 -13.78 24.37 -6.73
CA GLY A 331 -13.08 23.59 -7.75
C GLY A 331 -12.28 24.43 -8.72
N THR A 332 -12.82 25.60 -9.10
CA THR A 332 -12.19 26.57 -10.00
C THR A 332 -10.98 27.23 -9.32
N PHE A 333 -11.05 27.36 -7.98
CA PHE A 333 -10.00 27.93 -7.13
C PHE A 333 -8.82 26.95 -7.02
N ILE A 334 -9.10 25.69 -6.57
CA ILE A 334 -8.11 24.62 -6.38
C ILE A 334 -7.35 24.33 -7.69
N LEU A 335 -8.08 24.22 -8.83
CA LEU A 335 -7.50 23.97 -10.16
C LEU A 335 -6.58 25.11 -10.63
N LYS A 336 -6.89 26.38 -10.22
CA LYS A 336 -6.10 27.57 -10.56
C LYS A 336 -4.85 27.69 -9.69
N VAL A 337 -4.96 27.26 -8.41
CA VAL A 337 -3.87 27.26 -7.43
C VAL A 337 -2.86 26.15 -7.78
N ALA A 338 -3.37 24.96 -8.17
CA ALA A 338 -2.57 23.80 -8.57
C ALA A 338 -1.84 24.03 -9.90
N GLU A 339 -2.42 24.90 -10.78
CA GLU A 339 -1.83 25.28 -12.07
C GLU A 339 -0.70 26.27 -11.82
N SER A 340 -0.92 27.23 -10.89
CA SER A 340 0.05 28.25 -10.51
C SER A 340 1.22 27.65 -9.72
N LEU A 341 1.00 26.49 -9.07
CA LEU A 341 2.02 25.77 -8.33
C LEU A 341 2.84 24.87 -9.27
N GLN A 342 2.48 24.85 -10.59
CA GLN A 342 3.09 24.06 -11.66
C GLN A 342 2.97 22.55 -11.38
N LEU A 343 1.73 22.10 -11.10
CA LEU A 343 1.40 20.71 -10.79
C LEU A 343 0.39 20.13 -11.78
N VAL A 344 -0.57 20.94 -12.25
CA VAL A 344 -1.63 20.49 -13.15
C VAL A 344 -1.58 21.25 -14.49
N THR A 345 -1.70 20.50 -15.61
CA THR A 345 -1.73 21.03 -16.97
C THR A 345 -3.20 21.26 -17.34
N VAL A 346 -3.58 22.53 -17.56
CA VAL A 346 -4.95 22.94 -17.90
C VAL A 346 -5.02 23.36 -19.38
N HIS A 347 -5.96 22.77 -20.14
CA HIS A 347 -6.16 23.08 -21.55
C HIS A 347 -7.60 23.55 -21.80
N GLN A 348 -7.74 24.85 -22.15
CA GLN A 348 -9.04 25.46 -22.43
C GLN A 348 -9.43 25.26 -23.90
N SER A 349 -10.72 24.95 -24.14
CA SER A 349 -11.28 24.70 -25.48
C SER A 349 -12.76 25.12 -25.58
N GLU A 350 -13.25 25.34 -26.81
CA GLU A 350 -14.65 25.70 -27.07
C GLU A 350 -15.22 24.95 -28.27
N THR A 351 -16.32 24.21 -28.04
CA THR A 351 -17.02 23.39 -29.04
C THR A 351 -18.45 23.93 -29.30
N GLU A 352 -19.24 23.18 -30.10
CA GLU A 352 -20.63 23.48 -30.44
C GLU A 352 -21.53 23.35 -29.20
N ASP A 353 -21.18 22.41 -28.29
CA ASP A 353 -21.88 22.16 -27.03
C ASP A 353 -21.63 23.30 -26.04
N GLY A 354 -20.49 23.97 -26.16
CA GLY A 354 -20.05 25.08 -25.32
C GLY A 354 -18.57 25.04 -25.00
N GLU A 355 -18.16 25.75 -23.94
CA GLU A 355 -16.75 25.79 -23.50
C GLU A 355 -16.46 24.69 -22.48
N PHE A 356 -15.40 23.90 -22.74
CA PHE A 356 -14.96 22.79 -21.88
C PHE A 356 -13.51 22.96 -21.44
N THR A 357 -13.18 22.50 -20.22
CA THR A 357 -11.85 22.57 -19.63
C THR A 357 -11.24 21.17 -19.48
N GLU A 358 -10.08 20.94 -20.13
CA GLU A 358 -9.37 19.66 -20.10
C GLU A 358 -8.26 19.70 -19.05
N CYS A 359 -8.60 19.25 -17.84
CA CYS A 359 -7.72 19.20 -16.66
C CYS A 359 -6.92 17.90 -16.63
N ASN A 360 -5.65 17.99 -16.19
CA ASN A 360 -4.74 16.83 -16.06
C ASN A 360 -5.18 15.96 -14.87
N ASN A 361 -5.16 14.62 -15.05
CA ASN A 361 -5.53 13.67 -13.98
C ASN A 361 -4.53 13.77 -12.83
N MET A 362 -5.04 14.13 -11.64
CA MET A 362 -4.25 14.38 -10.45
C MET A 362 -3.87 13.11 -9.69
N THR A 363 -2.66 12.61 -9.95
CA THR A 363 -2.02 11.44 -9.35
C THR A 363 -0.51 11.54 -9.58
N LEU A 364 0.30 10.92 -8.69
CA LEU A 364 1.76 10.96 -8.76
C LEU A 364 2.31 10.36 -10.08
N ILE A 365 1.63 9.32 -10.62
CA ILE A 365 1.99 8.66 -11.90
C ILE A 365 1.92 9.66 -13.07
N ASN A 366 0.77 10.37 -13.19
CA ASN A 366 0.53 11.39 -14.22
C ASN A 366 1.42 12.64 -14.05
N LEU A 367 1.76 12.98 -12.78
CA LEU A 367 2.62 14.12 -12.46
C LEU A 367 4.05 13.83 -12.93
N LEU A 368 4.48 12.55 -12.85
CA LEU A 368 5.81 12.11 -13.32
C LEU A 368 5.91 12.17 -14.84
N LEU A 369 4.78 11.95 -15.53
CA LEU A 369 4.71 12.04 -16.98
C LEU A 369 4.61 13.51 -17.44
N LYS A 370 4.16 14.42 -16.54
CA LYS A 370 4.08 15.85 -16.82
C LYS A 370 5.49 16.43 -16.76
N VAL A 371 6.28 15.97 -15.78
CA VAL A 371 7.66 16.39 -15.52
C VAL A 371 8.67 15.73 -16.46
N LEU A 372 8.59 14.40 -16.63
CA LEU A 372 9.56 13.64 -17.41
C LEU A 372 9.09 13.17 -18.81
N GLY A 373 7.91 13.61 -19.24
CA GLY A 373 7.35 13.22 -20.54
C GLY A 373 6.87 11.78 -20.57
N PRO A 374 6.57 11.20 -21.77
CA PRO A 374 6.10 9.80 -21.80
C PRO A 374 7.18 8.80 -21.37
N ILE A 375 6.82 7.89 -20.44
CA ILE A 375 7.71 6.86 -19.88
C ILE A 375 7.08 5.48 -20.08
N HIS A 376 7.90 4.46 -20.37
CA HIS A 376 7.44 3.07 -20.52
C HIS A 376 7.01 2.54 -19.15
N GLU A 377 6.03 1.61 -19.11
CA GLU A 377 5.49 1.02 -17.88
C GLU A 377 6.56 0.47 -16.93
N ARG A 378 7.52 -0.34 -17.44
CA ARG A 378 8.60 -0.94 -16.64
C ARG A 378 9.55 0.10 -16.01
N ASN A 379 9.79 1.19 -16.73
CA ASN A 379 10.64 2.27 -16.24
C ASN A 379 9.88 3.19 -15.28
N LEU A 380 8.58 3.43 -15.57
CA LEU A 380 7.71 4.29 -14.77
C LEU A 380 7.55 3.77 -13.34
N THR A 381 7.30 2.44 -13.20
CA THR A 381 7.15 1.79 -11.89
C THR A 381 8.45 1.89 -11.12
N LEU A 382 9.56 1.46 -11.75
CA LEU A 382 10.92 1.44 -11.22
C LEU A 382 11.31 2.79 -10.67
N LEU A 383 10.89 3.87 -11.37
CA LEU A 383 11.10 5.27 -11.01
C LEU A 383 10.33 5.64 -9.73
N LEU A 384 9.09 5.15 -9.58
CA LEU A 384 8.29 5.40 -8.40
C LEU A 384 8.84 4.60 -7.22
N LEU A 385 9.45 3.43 -7.50
CA LEU A 385 10.07 2.56 -6.48
C LEU A 385 11.32 3.23 -5.96
N LEU A 386 12.07 3.89 -6.86
CA LEU A 386 13.28 4.65 -6.56
C LEU A 386 12.90 5.87 -5.71
N LEU A 387 11.76 6.51 -6.05
CA LEU A 387 11.19 7.67 -5.38
C LEU A 387 10.80 7.27 -3.94
N GLN A 388 10.30 6.02 -3.77
CA GLN A 388 9.93 5.41 -2.50
C GLN A 388 11.22 5.16 -1.67
N ILE A 389 12.32 4.75 -2.36
CA ILE A 389 13.62 4.52 -1.72
C ILE A 389 14.15 5.88 -1.20
N LEU A 390 14.04 6.96 -2.03
CA LEU A 390 14.49 8.31 -1.68
C LEU A 390 13.86 8.81 -0.39
N GLY A 391 12.55 8.63 -0.27
CA GLY A 391 11.79 9.04 0.91
C GLY A 391 12.23 8.31 2.16
N SER A 392 12.50 6.99 2.02
CA SER A 392 12.96 6.12 3.10
C SER A 392 14.35 6.58 3.59
N ALA A 393 15.26 6.94 2.64
CA ALA A 393 16.59 7.46 2.91
C ALA A 393 16.48 8.78 3.66
N ILE A 394 15.53 9.66 3.25
CA ILE A 394 15.22 10.94 3.89
C ILE A 394 14.82 10.71 5.36
N THR A 395 13.88 9.76 5.61
CA THR A 395 13.41 9.36 6.94
C THR A 395 14.60 8.89 7.81
N PHE A 396 15.43 7.98 7.26
CA PHE A 396 16.61 7.41 7.92
C PHE A 396 17.65 8.46 8.26
N SER A 397 17.87 9.44 7.35
CA SER A 397 18.83 10.53 7.52
C SER A 397 18.40 11.46 8.66
N ILE A 398 17.08 11.70 8.80
CA ILE A 398 16.48 12.51 9.85
C ILE A 398 16.70 11.81 11.21
N ARG A 399 16.30 10.52 11.28
CA ARG A 399 16.35 9.67 12.48
C ARG A 399 17.77 9.35 13.00
N TYR A 400 18.78 9.29 12.11
CA TYR A 400 20.13 8.89 12.54
C TYR A 400 21.24 9.96 12.38
N GLN A 401 20.89 11.22 12.03
CA GLN A 401 21.82 12.34 11.83
C GLN A 401 22.78 12.02 10.65
N LEU A 402 22.26 12.09 9.42
CA LEU A 402 23.01 11.82 8.19
C LEU A 402 22.86 12.94 7.15
N VAL A 403 22.21 14.05 7.56
CA VAL A 403 21.97 15.25 6.73
C VAL A 403 23.28 15.91 6.32
N ARG A 404 24.23 16.04 7.28
CA ARG A 404 25.56 16.62 7.11
C ARG A 404 26.38 15.79 6.10
N LEU A 405 26.29 14.43 6.20
CA LEU A 405 26.98 13.48 5.32
C LEU A 405 26.55 13.66 3.86
N PHE A 406 25.23 13.50 3.58
CA PHE A 406 24.65 13.64 2.25
C PHE A 406 24.48 15.11 1.87
O4 P6L B . 15.51 -8.72 -11.81
C5 P6L B . 14.53 -7.82 -12.41
C6 P6L B . 14.56 -6.52 -11.66
C7 P6L B . 14.89 -7.65 -13.86
O8 P6L B . 14.05 -6.71 -10.32
O9 P6L B . 13.67 -7.65 -14.64
O10 P6L B . 11.85 -6.58 -16.13
P11 P6L B . 13.14 -6.34 -15.43
O12 P6L B . 13.03 -5.16 -14.33
O13 P6L B . 14.26 -5.90 -16.39
C16 P6L B . 13.16 -5.82 -9.83
O17 P6L B . 12.72 -4.90 -10.47
C27 P6L B . 12.85 -6.10 -8.40
C28 P6L B . 13.64 -5.22 -7.46
C29 P6L B . 13.21 -5.36 -6.02
C30 P6L B . 14.00 -4.51 -5.05
C31 P6L B . 13.56 -4.67 -3.60
C32 P6L B . 14.63 -4.31 -2.58
C33 P6L B . 14.88 -2.84 -2.46
C34 P6L B . 15.35 -2.19 -1.40
C35 P6L B . 15.73 -2.75 -0.06
C36 P6L B . 16.33 -1.73 0.93
C38 P6L B . 15.48 -0.51 1.26
C39 P6L B . 16.07 0.41 2.32
C40 P6L B . 15.50 1.81 2.32
#